data_6PLJ
#
_entry.id   6PLJ
#
_cell.length_a   50.656
_cell.length_b   61.418
_cell.length_c   72.227
_cell.angle_alpha   90.000
_cell.angle_beta   90.000
_cell.angle_gamma   90.000
#
_symmetry.space_group_name_H-M   'P 21 21 21'
#
loop_
_entity.id
_entity.type
_entity.pdbx_description
1 polymer 'nucleotidyl transferase'
2 non-polymer 1,2-ETHANEDIOL
3 non-polymer 'CHLORIDE ION'
4 non-polymer 'SODIUM ION'
5 water water
#
_entity_poly.entity_id   1
_entity_poly.type   'polypeptide(L)'
_entity_poly.pdbx_seq_one_letter_code
;MGSSHHHHHHSSGLVPRGSHMGNMISAVVAAAGRGSRMMRDMAELGLEPVHKLLLPLNGVTVIEATVKAVLSAGVDECIV
VTGHRAGEVEEALSGMDVRVVRNDPVDVPLSASLLRGVRAAGGDIILCAAGDQPAVSPATLRRIAEHADGSTVSILARGE
SGWLDNARGIGMPLAAGADLLRDYLPLGDGNINPLLWMMLEDGVRLYGVEASRPIELVNINHYSDYLRIRDHFLRTNADG
N
;
_entity_poly.pdbx_strand_id   A
#
# COMPACT_ATOMS: atom_id res chain seq x y z
N GLY A 22 2.26 -20.99 0.77
CA GLY A 22 0.78 -21.05 0.95
C GLY A 22 0.31 -21.51 2.33
N ASN A 23 1.09 -21.22 3.37
CA ASN A 23 0.69 -21.54 4.74
C ASN A 23 0.18 -20.31 5.50
N MET A 24 0.69 -19.12 5.18
CA MET A 24 0.24 -17.93 5.90
C MET A 24 0.49 -16.66 5.08
N ILE A 25 -0.54 -15.82 5.03
CA ILE A 25 -0.50 -14.57 4.26
C ILE A 25 -0.55 -13.42 5.25
N SER A 26 0.48 -12.59 5.25
CA SER A 26 0.53 -11.41 6.12
C SER A 26 0.40 -10.18 5.25
N ALA A 27 -0.40 -9.21 5.69
CA ALA A 27 -0.37 -7.91 5.03
C ALA A 27 0.60 -6.99 5.75
N VAL A 28 1.25 -6.15 4.98
CA VAL A 28 2.08 -5.08 5.51
C VAL A 28 1.57 -3.81 4.87
N VAL A 29 1.06 -2.91 5.69
CA VAL A 29 0.57 -1.60 5.24
C VAL A 29 1.61 -0.56 5.60
N ALA A 30 2.15 0.09 4.57
CA ALA A 30 3.12 1.16 4.78
C ALA A 30 2.37 2.45 5.06
N ALA A 31 2.48 2.94 6.29
CA ALA A 31 1.70 4.08 6.76
C ALA A 31 2.63 5.07 7.48
N ALA A 32 3.86 5.16 7.01
CA ALA A 32 4.93 5.84 7.76
C ALA A 32 5.50 7.09 7.11
N GLY A 33 5.13 7.38 5.87
CA GLY A 33 5.78 8.43 5.12
C GLY A 33 5.18 9.81 5.31
N ARG A 34 5.93 10.81 4.88
CA ARG A 34 5.41 12.17 4.79
C ARG A 34 4.49 12.27 3.57
N GLY A 35 3.71 13.33 3.55
CA GLY A 35 2.90 13.68 2.38
C GLY A 35 2.85 15.18 2.29
N SER A 36 4.01 15.77 2.05
N SER A 36 4.02 15.76 2.06
CA SER A 36 4.15 17.21 2.10
CA SER A 36 4.19 17.21 2.06
C SER A 36 3.37 17.92 0.99
C SER A 36 3.36 17.90 0.99
N ARG A 37 3.38 17.33 -0.21
CA ARG A 37 2.68 17.90 -1.36
C ARG A 37 1.20 18.06 -1.10
N MET A 38 0.59 17.05 -0.49
CA MET A 38 -0.84 17.10 -0.25
C MET A 38 -1.18 18.15 0.81
N MET A 39 -0.34 18.26 1.84
CA MET A 39 -0.55 19.27 2.89
C MET A 39 -0.40 20.67 2.34
N ARG A 40 0.59 20.88 1.48
CA ARG A 40 0.79 22.18 0.82
C ARG A 40 -0.40 22.50 -0.07
N ASP A 41 -0.92 21.48 -0.78
CA ASP A 41 -2.12 21.70 -1.58
C ASP A 41 -3.27 22.24 -0.75
N MET A 42 -3.46 21.69 0.43
CA MET A 42 -4.51 22.14 1.34
C MET A 42 -4.27 23.58 1.77
N ALA A 43 -3.02 23.89 2.11
CA ALA A 43 -2.67 25.26 2.51
C ALA A 43 -2.92 26.25 1.37
N GLU A 44 -2.63 25.83 0.14
CA GLU A 44 -2.81 26.67 -1.06
C GLU A 44 -4.28 26.88 -1.44
N LEU A 45 -5.18 26.06 -0.90
CA LEU A 45 -6.63 26.29 -0.94
C LEU A 45 -7.15 27.10 0.26
N GLY A 46 -6.26 27.57 1.14
CA GLY A 46 -6.69 28.20 2.38
C GLY A 46 -7.36 27.29 3.39
N LEU A 47 -7.07 26.00 3.31
CA LEU A 47 -7.57 25.05 4.29
C LEU A 47 -6.45 24.75 5.29
N GLU A 48 -6.84 24.30 6.48
CA GLU A 48 -5.88 23.82 7.46
C GLU A 48 -5.36 22.46 6.99
N PRO A 49 -4.04 22.33 6.81
CA PRO A 49 -3.55 21.02 6.33
C PRO A 49 -3.78 19.91 7.34
N VAL A 50 -4.04 18.73 6.79
CA VAL A 50 -4.23 17.52 7.57
C VAL A 50 -3.38 16.48 6.83
N HIS A 51 -2.59 15.70 7.56
CA HIS A 51 -1.84 14.60 6.97
C HIS A 51 -2.80 13.65 6.26
N LYS A 52 -2.40 13.21 5.07
CA LYS A 52 -3.27 12.44 4.17
C LYS A 52 -3.94 11.25 4.83
N LEU A 53 -3.21 10.58 5.72
CA LEU A 53 -3.73 9.36 6.33
C LEU A 53 -4.85 9.63 7.32
N LEU A 54 -4.96 10.87 7.77
CA LEU A 54 -5.93 11.25 8.79
C LEU A 54 -7.14 11.99 8.22
N LEU A 55 -7.17 12.17 6.91
CA LEU A 55 -8.33 12.77 6.26
C LEU A 55 -9.54 11.87 6.37
N PRO A 56 -10.74 12.46 6.45
CA PRO A 56 -11.92 11.65 6.66
C PRO A 56 -12.34 10.93 5.40
N LEU A 57 -12.77 9.69 5.60
CA LEU A 57 -13.23 8.86 4.53
C LEU A 57 -14.11 7.76 5.11
N ASN A 58 -15.34 7.65 4.60
CA ASN A 58 -16.24 6.55 4.95
CA ASN A 58 -16.27 6.56 4.97
C ASN A 58 -16.55 6.53 6.47
N GLY A 59 -16.70 7.71 7.08
CA GLY A 59 -16.90 7.82 8.54
C GLY A 59 -15.67 7.52 9.40
N VAL A 60 -14.53 7.24 8.77
CA VAL A 60 -13.28 6.94 9.49
C VAL A 60 -12.20 7.81 8.86
N THR A 61 -10.94 7.37 8.89
CA THR A 61 -9.85 8.05 8.23
C THR A 61 -9.37 7.23 7.03
N VAL A 62 -8.59 7.87 6.18
CA VAL A 62 -7.96 7.21 5.05
C VAL A 62 -7.25 5.94 5.51
N ILE A 63 -6.42 6.03 6.56
CA ILE A 63 -5.66 4.85 6.97
C ILE A 63 -6.57 3.73 7.47
N GLU A 64 -7.62 4.08 8.20
CA GLU A 64 -8.58 3.06 8.63
C GLU A 64 -9.25 2.41 7.42
N ALA A 65 -9.57 3.20 6.41
CA ALA A 65 -10.16 2.65 5.19
C ALA A 65 -9.23 1.64 4.51
N THR A 66 -7.96 1.99 4.39
CA THR A 66 -7.00 1.07 3.79
C THR A 66 -6.89 -0.22 4.58
N VAL A 67 -6.74 -0.11 5.89
CA VAL A 67 -6.56 -1.28 6.74
C VAL A 67 -7.81 -2.17 6.68
N LYS A 68 -9.00 -1.55 6.72
CA LYS A 68 -10.22 -2.31 6.63
C LYS A 68 -10.28 -3.12 5.34
N ALA A 69 -9.89 -2.54 4.22
CA ALA A 69 -9.85 -3.27 2.95
C ALA A 69 -8.91 -4.46 2.97
N VAL A 70 -7.73 -4.26 3.56
CA VAL A 70 -6.73 -5.30 3.68
C VAL A 70 -7.25 -6.46 4.55
N LEU A 71 -7.82 -6.12 5.70
CA LEU A 71 -8.39 -7.16 6.57
C LEU A 71 -9.55 -7.88 5.89
N SER A 72 -10.36 -7.12 5.15
CA SER A 72 -11.47 -7.74 4.43
C SER A 72 -11.03 -8.65 3.27
N ALA A 73 -9.75 -8.57 2.86
CA ALA A 73 -9.23 -9.42 1.82
C ALA A 73 -8.85 -10.81 2.31
N GLY A 74 -8.99 -11.07 3.61
CA GLY A 74 -8.84 -12.40 4.16
C GLY A 74 -7.44 -12.78 4.60
N VAL A 75 -6.54 -11.81 4.72
CA VAL A 75 -5.19 -12.07 5.23
C VAL A 75 -5.21 -12.61 6.67
N ASP A 76 -4.17 -13.37 7.02
CA ASP A 76 -4.07 -13.97 8.36
C ASP A 76 -3.70 -12.97 9.45
N GLU A 77 -3.03 -11.89 9.06
CA GLU A 77 -2.68 -10.81 9.97
C GLU A 77 -2.38 -9.57 9.16
N CYS A 78 -2.46 -8.41 9.80
CA CYS A 78 -2.12 -7.15 9.18
C CYS A 78 -1.14 -6.39 10.07
N ILE A 79 0.05 -6.16 9.53
CA ILE A 79 1.09 -5.34 10.13
C ILE A 79 0.93 -3.95 9.55
N VAL A 80 1.03 -2.93 10.38
CA VAL A 80 1.02 -1.56 9.89
C VAL A 80 2.30 -0.90 10.34
N VAL A 81 3.03 -0.32 9.39
CA VAL A 81 4.29 0.33 9.68
C VAL A 81 4.03 1.81 9.79
N THR A 82 4.40 2.40 10.93
CA THR A 82 4.15 3.80 11.19
C THR A 82 5.47 4.55 11.36
N GLY A 83 5.40 5.86 11.32
CA GLY A 83 6.61 6.68 11.46
C GLY A 83 6.21 8.13 11.54
N HIS A 84 6.02 8.74 10.38
CA HIS A 84 5.56 10.11 10.34
C HIS A 84 4.21 10.27 11.01
N ARG A 85 4.14 11.18 11.99
CA ARG A 85 2.92 11.39 12.77
C ARG A 85 2.37 10.05 13.32
N ALA A 86 3.28 9.19 13.77
CA ALA A 86 2.90 7.85 14.24
C ALA A 86 1.87 7.89 15.36
N GLY A 87 2.03 8.79 16.32
CA GLY A 87 1.02 8.93 17.38
C GLY A 87 -0.41 9.06 16.87
N GLU A 88 -0.60 9.95 15.91
CA GLU A 88 -1.91 10.20 15.34
C GLU A 88 -2.41 9.05 14.47
N VAL A 89 -1.50 8.45 13.70
CA VAL A 89 -1.86 7.32 12.83
C VAL A 89 -2.24 6.12 13.71
N GLU A 90 -1.45 5.88 14.75
CA GLU A 90 -1.73 4.80 15.70
C GLU A 90 -3.03 5.02 16.46
N GLU A 91 -3.33 6.26 16.82
CA GLU A 91 -4.61 6.55 17.47
C GLU A 91 -5.77 6.28 16.52
N ALA A 92 -5.62 6.64 15.23
CA ALA A 92 -6.64 6.35 14.23
C ALA A 92 -6.93 4.85 14.13
N LEU A 93 -5.88 4.03 14.28
CA LEU A 93 -6.01 2.58 14.17
C LEU A 93 -6.31 1.86 15.47
N SER A 94 -6.44 2.61 16.57
CA SER A 94 -6.45 2.01 17.92
C SER A 94 -7.54 0.96 18.15
N GLY A 95 -8.67 1.06 17.45
CA GLY A 95 -9.72 0.04 17.55
C GLY A 95 -9.57 -1.19 16.66
N MET A 96 -8.50 -1.25 15.86
CA MET A 96 -8.43 -2.24 14.78
C MET A 96 -7.47 -3.35 15.10
N ASP A 97 -7.69 -4.49 14.47
CA ASP A 97 -6.92 -5.69 14.77
C ASP A 97 -5.66 -5.71 13.90
N VAL A 98 -4.71 -4.88 14.30
CA VAL A 98 -3.43 -4.76 13.58
C VAL A 98 -2.27 -4.83 14.54
N ARG A 99 -1.10 -5.17 13.99
CA ARG A 99 0.15 -5.18 14.71
C ARG A 99 0.96 -4.01 14.18
N VAL A 100 1.19 -3.03 15.05
CA VAL A 100 1.90 -1.81 14.66
C VAL A 100 3.38 -1.94 14.96
N VAL A 101 4.21 -1.60 13.97
CA VAL A 101 5.64 -1.45 14.16
C VAL A 101 6.04 -0.09 13.67
N ARG A 102 6.86 0.59 14.47
CA ARG A 102 7.23 1.96 14.15
C ARG A 102 8.64 2.00 13.56
N ASN A 103 8.79 2.78 12.51
CA ASN A 103 10.17 3.00 12.03
C ASN A 103 10.84 3.92 13.06
N ASP A 104 12.01 3.53 13.51
CA ASP A 104 12.84 4.37 14.39
C ASP A 104 14.29 4.05 14.03
N PRO A 105 14.99 4.93 13.30
CA PRO A 105 14.56 6.31 12.94
C PRO A 105 13.42 6.41 11.92
N VAL A 106 12.71 7.54 11.95
CA VAL A 106 11.54 7.72 11.08
C VAL A 106 11.83 8.12 9.64
N ASP A 107 12.99 8.69 9.35
CA ASP A 107 13.21 9.21 8.01
C ASP A 107 13.79 8.11 7.11
N VAL A 108 12.94 7.12 6.79
CA VAL A 108 13.33 6.02 5.88
C VAL A 108 12.34 5.93 4.73
N PRO A 109 12.81 5.48 3.56
CA PRO A 109 11.93 5.42 2.40
C PRO A 109 10.97 4.23 2.43
N LEU A 110 10.08 4.20 1.44
CA LEU A 110 8.98 3.22 1.38
C LEU A 110 9.50 1.79 1.42
N SER A 111 10.55 1.49 0.67
CA SER A 111 11.11 0.14 0.63
C SER A 111 11.56 -0.30 2.02
N ALA A 112 12.17 0.62 2.79
CA ALA A 112 12.61 0.32 4.15
C ALA A 112 11.45 0.13 5.11
N SER A 113 10.38 0.90 4.94
CA SER A 113 9.15 0.73 5.72
C SER A 113 8.56 -0.63 5.45
N LEU A 114 8.46 -0.99 4.18
CA LEU A 114 7.97 -2.32 3.84
C LEU A 114 8.86 -3.39 4.46
N LEU A 115 10.16 -3.20 4.40
CA LEU A 115 11.08 -4.18 4.98
C LEU A 115 10.86 -4.34 6.48
N ARG A 116 10.68 -3.23 7.17
CA ARG A 116 10.42 -3.30 8.62
C ARG A 116 9.15 -4.13 8.88
N GLY A 117 8.12 -3.91 8.09
CA GLY A 117 6.88 -4.65 8.20
C GLY A 117 7.03 -6.13 7.90
N VAL A 118 7.77 -6.43 6.82
CA VAL A 118 8.03 -7.83 6.46
C VAL A 118 8.80 -8.51 7.58
N ARG A 119 9.76 -7.81 8.19
CA ARG A 119 10.47 -8.34 9.37
C ARG A 119 9.57 -8.75 10.53
N ALA A 120 8.47 -8.04 10.71
CA ALA A 120 7.50 -8.30 11.75
C ALA A 120 6.45 -9.33 11.35
N ALA A 121 6.39 -9.72 10.08
CA ALA A 121 5.33 -10.58 9.58
C ALA A 121 5.68 -12.03 9.75
N GLY A 122 4.69 -12.84 10.13
CA GLY A 122 4.88 -14.28 10.20
C GLY A 122 4.74 -15.07 8.91
N GLY A 123 4.11 -14.48 7.89
CA GLY A 123 3.67 -15.21 6.71
C GLY A 123 4.74 -15.48 5.69
N ASP A 124 4.49 -16.48 4.85
CA ASP A 124 5.39 -16.79 3.71
C ASP A 124 5.04 -15.99 2.47
N ILE A 125 3.82 -15.46 2.43
CA ILE A 125 3.40 -14.53 1.38
C ILE A 125 3.04 -13.23 2.06
N ILE A 126 3.51 -12.13 1.48
CA ILE A 126 3.21 -10.81 2.01
C ILE A 126 2.39 -10.03 1.00
N LEU A 127 1.27 -9.47 1.46
CA LEU A 127 0.51 -8.49 0.69
C LEU A 127 0.95 -7.11 1.16
N CYS A 128 1.62 -6.36 0.29
CA CYS A 128 2.15 -5.02 0.62
C CYS A 128 1.17 -3.99 0.09
N ALA A 129 0.70 -3.10 0.98
CA ALA A 129 -0.26 -2.06 0.61
C ALA A 129 0.20 -0.71 1.10
N ALA A 130 -0.15 0.32 0.34
CA ALA A 130 0.15 1.69 0.72
C ALA A 130 -0.98 2.24 1.56
N GLY A 131 -0.64 2.84 2.69
CA GLY A 131 -1.65 3.43 3.57
C GLY A 131 -2.48 4.51 2.89
N ASP A 132 -1.87 5.22 1.93
CA ASP A 132 -2.50 6.33 1.23
C ASP A 132 -3.23 5.94 -0.05
N GLN A 133 -3.53 4.65 -0.21
CA GLN A 133 -4.22 4.16 -1.38
C GLN A 133 -5.48 3.42 -0.91
N PRO A 134 -6.46 4.18 -0.42
CA PRO A 134 -7.58 3.58 0.33
C PRO A 134 -8.74 3.07 -0.50
N ALA A 135 -8.71 3.25 -1.82
CA ALA A 135 -9.82 2.83 -2.66
C ALA A 135 -9.64 1.45 -3.28
N VAL A 136 -8.60 0.70 -2.87
CA VAL A 136 -8.46 -0.65 -3.40
C VAL A 136 -9.51 -1.53 -2.73
N SER A 137 -10.27 -2.28 -3.51
CA SER A 137 -11.31 -3.13 -2.92
C SER A 137 -10.69 -4.37 -2.30
N PRO A 138 -11.36 -4.92 -1.29
CA PRO A 138 -10.95 -6.22 -0.75
C PRO A 138 -10.83 -7.31 -1.81
N ALA A 139 -11.76 -7.33 -2.77
CA ALA A 139 -11.71 -8.35 -3.81
C ALA A 139 -10.46 -8.25 -4.67
N THR A 140 -10.04 -7.03 -4.98
CA THR A 140 -8.83 -6.82 -5.76
C THR A 140 -7.61 -7.26 -4.94
N LEU A 141 -7.56 -6.86 -3.68
CA LEU A 141 -6.46 -7.25 -2.79
C LEU A 141 -6.35 -8.78 -2.68
N ARG A 142 -7.51 -9.42 -2.55
CA ARG A 142 -7.56 -10.87 -2.46
C ARG A 142 -7.01 -11.53 -3.72
N ARG A 143 -7.41 -11.03 -4.90
CA ARG A 143 -6.91 -11.53 -6.19
C ARG A 143 -5.40 -11.37 -6.31
N ILE A 144 -4.89 -10.21 -5.85
CA ILE A 144 -3.46 -9.96 -5.87
C ILE A 144 -2.74 -10.99 -4.98
N ALA A 145 -3.23 -11.19 -3.77
CA ALA A 145 -2.60 -12.13 -2.85
C ALA A 145 -2.59 -13.55 -3.40
N GLU A 146 -3.68 -13.92 -4.08
CA GLU A 146 -3.85 -15.27 -4.62
C GLU A 146 -2.88 -15.63 -5.75
N HIS A 147 -2.41 -14.61 -6.49
CA HIS A 147 -1.52 -14.80 -7.62
C HIS A 147 -0.03 -14.80 -7.26
N ALA A 148 0.29 -14.46 -6.01
CA ALA A 148 1.67 -14.46 -5.56
C ALA A 148 2.07 -15.89 -5.18
N ASP A 149 3.33 -16.19 -5.33
CA ASP A 149 3.92 -17.42 -4.75
C ASP A 149 5.38 -17.15 -4.46
N GLY A 150 6.16 -18.18 -4.11
CA GLY A 150 7.58 -17.98 -3.77
C GLY A 150 8.39 -17.19 -4.77
N SER A 151 8.17 -17.45 -6.05
N SER A 151 8.18 -17.49 -6.05
CA SER A 151 8.93 -16.80 -7.11
CA SER A 151 8.92 -16.85 -7.15
C SER A 151 8.11 -15.91 -8.04
C SER A 151 8.17 -15.69 -7.82
N THR A 152 6.85 -15.66 -7.72
CA THR A 152 6.01 -14.78 -8.53
C THR A 152 5.54 -13.61 -7.70
N VAL A 153 5.71 -12.42 -8.27
CA VAL A 153 5.20 -11.19 -7.68
C VAL A 153 3.94 -10.85 -8.43
N SER A 154 2.88 -10.52 -7.68
N SER A 154 2.90 -10.50 -7.67
CA SER A 154 1.63 -10.10 -8.27
CA SER A 154 1.60 -10.13 -8.21
C SER A 154 1.41 -8.66 -7.88
C SER A 154 1.39 -8.67 -7.86
N ILE A 155 0.74 -7.91 -8.73
CA ILE A 155 0.65 -6.46 -8.55
C ILE A 155 -0.60 -5.91 -9.20
N LEU A 156 -1.11 -4.80 -8.65
CA LEU A 156 -2.22 -4.10 -9.27
C LEU A 156 -1.73 -3.48 -10.57
N ALA A 157 -2.34 -3.88 -11.67
CA ALA A 157 -1.93 -3.48 -13.01
C ALA A 157 -2.57 -2.16 -13.37
N ARG A 158 -1.92 -1.44 -14.28
CA ARG A 158 -2.43 -0.19 -14.81
C ARG A 158 -3.49 -0.47 -15.89
N GLY A 159 -3.40 -1.64 -16.52
CA GLY A 159 -4.33 -2.03 -17.58
C GLY A 159 -4.89 -3.41 -17.33
N GLU A 160 -4.91 -4.26 -18.36
CA GLU A 160 -5.51 -5.58 -18.24
C GLU A 160 -4.61 -6.56 -17.47
N SER A 161 -5.19 -7.67 -17.01
CA SER A 161 -4.44 -8.70 -16.30
C SER A 161 -3.49 -9.41 -17.25
N GLY A 162 -2.43 -9.96 -16.67
CA GLY A 162 -1.52 -10.81 -17.42
C GLY A 162 -0.09 -10.61 -16.99
N TRP A 163 0.78 -11.48 -17.49
CA TRP A 163 2.20 -11.32 -17.27
C TRP A 163 2.71 -9.96 -17.76
N LEU A 164 3.52 -9.32 -16.92
CA LEU A 164 4.07 -8.00 -17.21
C LEU A 164 5.51 -8.07 -17.68
N ASP A 165 5.82 -7.34 -18.74
CA ASP A 165 7.22 -7.13 -19.16
C ASP A 165 7.74 -5.74 -18.82
N ASN A 166 6.96 -4.98 -18.06
CA ASN A 166 7.29 -3.61 -17.72
C ASN A 166 6.62 -3.26 -16.40
N ALA A 167 7.06 -2.18 -15.80
CA ALA A 167 6.45 -1.62 -14.59
C ALA A 167 6.00 -0.17 -14.79
N ARG A 168 5.50 0.14 -15.97
CA ARG A 168 4.93 1.45 -16.21
C ARG A 168 3.67 1.66 -15.39
N GLY A 169 3.64 2.74 -14.60
CA GLY A 169 2.44 3.18 -13.93
C GLY A 169 1.94 2.25 -12.83
N ILE A 170 2.84 1.40 -12.32
CA ILE A 170 2.47 0.49 -11.24
C ILE A 170 3.40 0.60 -10.03
N GLY A 171 2.95 0.06 -8.91
CA GLY A 171 3.74 0.12 -7.70
C GLY A 171 3.15 -0.69 -6.60
N MET A 172 1.99 -0.26 -6.12
N MET A 172 2.01 -0.26 -6.07
CA MET A 172 1.27 -0.91 -5.03
CA MET A 172 1.32 -1.00 -5.02
C MET A 172 -0.22 -1.01 -5.37
C MET A 172 -0.18 -0.99 -5.31
N PRO A 173 -0.94 -1.90 -4.69
CA PRO A 173 -0.48 -2.99 -3.81
C PRO A 173 0.17 -4.11 -4.62
N LEU A 174 0.97 -4.92 -3.96
CA LEU A 174 1.59 -6.08 -4.58
C LEU A 174 1.63 -7.19 -3.56
N ALA A 175 1.86 -8.40 -4.03
CA ALA A 175 2.07 -9.52 -3.11
C ALA A 175 3.23 -10.33 -3.63
N ALA A 176 3.99 -10.91 -2.72
CA ALA A 176 5.16 -11.69 -3.08
C ALA A 176 5.55 -12.60 -1.95
N GLY A 177 6.35 -13.59 -2.28
CA GLY A 177 6.99 -14.40 -1.24
C GLY A 177 7.83 -13.55 -0.30
N ALA A 178 7.75 -13.86 0.99
CA ALA A 178 8.50 -13.13 2.00
C ALA A 178 10.01 -13.23 1.75
N ASP A 179 10.52 -14.42 1.38
CA ASP A 179 11.97 -14.54 1.15
C ASP A 179 12.38 -13.63 -0.01
N LEU A 180 11.58 -13.61 -1.08
CA LEU A 180 11.89 -12.77 -2.23
C LEU A 180 11.89 -11.29 -1.82
N LEU A 181 10.90 -10.88 -1.05
CA LEU A 181 10.91 -9.49 -0.55
C LEU A 181 12.11 -9.18 0.34
N ARG A 182 12.51 -10.14 1.18
CA ARG A 182 13.67 -9.92 2.04
C ARG A 182 14.96 -9.78 1.22
N ASP A 183 15.01 -10.40 0.04
CA ASP A 183 16.18 -10.23 -0.86
C ASP A 183 16.14 -8.93 -1.67
N TYR A 184 14.95 -8.49 -2.09
CA TYR A 184 14.84 -7.27 -2.92
C TYR A 184 14.66 -5.97 -2.14
N LEU A 185 13.83 -5.95 -1.10
CA LEU A 185 13.56 -4.69 -0.40
C LEU A 185 14.79 -3.95 0.13
N PRO A 186 15.84 -4.67 0.57
CA PRO A 186 17.06 -3.94 0.98
C PRO A 186 17.79 -3.19 -0.14
N LEU A 187 17.47 -3.50 -1.39
CA LEU A 187 18.12 -2.90 -2.55
C LEU A 187 17.42 -1.64 -3.04
N GLY A 188 18.06 -0.94 -3.96
CA GLY A 188 17.44 0.21 -4.66
C GLY A 188 17.52 1.53 -3.90
N ASP A 189 16.83 2.54 -4.43
CA ASP A 189 16.89 3.90 -3.89
C ASP A 189 15.85 4.21 -2.79
N GLY A 190 14.88 3.32 -2.57
CA GLY A 190 13.82 3.59 -1.61
C GLY A 190 12.41 3.52 -2.14
N ASN A 191 12.23 3.81 -3.43
CA ASN A 191 10.91 3.81 -4.07
C ASN A 191 10.60 2.41 -4.55
N ILE A 192 9.32 2.05 -4.64
CA ILE A 192 8.96 0.69 -5.05
C ILE A 192 9.11 0.46 -6.56
N ASN A 193 8.81 1.47 -7.38
CA ASN A 193 8.79 1.24 -8.82
C ASN A 193 10.15 0.82 -9.40
N PRO A 194 11.25 1.51 -9.00
CA PRO A 194 12.57 1.04 -9.44
C PRO A 194 12.89 -0.42 -9.08
N LEU A 195 12.44 -0.89 -7.90
CA LEU A 195 12.60 -2.30 -7.55
C LEU A 195 11.85 -3.25 -8.47
N LEU A 196 10.67 -2.86 -8.94
CA LEU A 196 9.91 -3.72 -9.84
C LEU A 196 10.63 -3.88 -11.19
N TRP A 197 11.19 -2.78 -11.68
CA TRP A 197 12.02 -2.80 -12.90
C TRP A 197 13.27 -3.68 -12.71
N MET A 198 13.89 -3.59 -11.53
N MET A 198 13.88 -3.60 -11.53
CA MET A 198 15.00 -4.47 -11.15
CA MET A 198 15.03 -4.47 -11.18
C MET A 198 14.61 -5.94 -11.21
C MET A 198 14.64 -5.94 -11.17
N MET A 199 13.49 -6.27 -10.58
CA MET A 199 12.93 -7.61 -10.61
C MET A 199 12.71 -8.15 -12.02
N LEU A 200 12.10 -7.34 -12.88
CA LEU A 200 11.89 -7.73 -14.27
C LEU A 200 13.21 -7.99 -15.00
N GLU A 201 14.20 -7.13 -14.80
CA GLU A 201 15.55 -7.29 -15.37
C GLU A 201 16.19 -8.61 -14.92
N ASP A 202 15.98 -8.95 -13.65
CA ASP A 202 16.46 -10.20 -13.08
C ASP A 202 15.67 -11.44 -13.51
N GLY A 203 14.56 -11.26 -14.24
CA GLY A 203 13.77 -12.37 -14.71
C GLY A 203 12.70 -12.83 -13.74
N VAL A 204 12.44 -12.03 -12.72
CA VAL A 204 11.38 -12.32 -11.76
C VAL A 204 10.06 -12.21 -12.49
N ARG A 205 9.18 -13.18 -12.30
CA ARG A 205 7.89 -13.21 -12.97
C ARG A 205 7.00 -12.19 -12.24
N LEU A 206 6.44 -11.24 -12.98
CA LEU A 206 5.57 -10.21 -12.42
C LEU A 206 4.21 -10.35 -13.06
N TYR A 207 3.18 -10.70 -12.27
CA TYR A 207 1.81 -10.87 -12.79
C TYR A 207 0.94 -9.68 -12.45
N GLY A 208 0.43 -9.01 -13.48
CA GLY A 208 -0.48 -7.88 -13.30
C GLY A 208 -1.91 -8.31 -13.15
N VAL A 209 -2.58 -7.78 -12.13
CA VAL A 209 -3.98 -8.03 -11.86
C VAL A 209 -4.77 -6.76 -12.17
N GLU A 210 -5.71 -6.87 -13.11
CA GLU A 210 -6.51 -5.70 -13.49
C GLU A 210 -7.31 -5.17 -12.30
N ALA A 211 -7.29 -3.86 -12.12
CA ALA A 211 -8.13 -3.21 -11.12
C ALA A 211 -9.61 -3.38 -11.42
N SER A 212 -10.41 -3.50 -10.38
CA SER A 212 -11.87 -3.47 -10.50
C SER A 212 -12.33 -2.15 -11.11
N ARG A 213 -11.74 -1.06 -10.65
CA ARG A 213 -12.08 0.30 -11.05
C ARG A 213 -10.73 1.05 -11.06
N PRO A 214 -10.48 1.96 -12.01
CA PRO A 214 -9.20 2.71 -11.98
C PRO A 214 -8.93 3.52 -10.72
N ILE A 215 -9.97 3.88 -9.98
CA ILE A 215 -9.81 4.58 -8.70
C ILE A 215 -8.91 3.78 -7.75
N GLU A 216 -8.88 2.45 -7.90
CA GLU A 216 -8.02 1.61 -7.05
C GLU A 216 -6.55 1.93 -7.16
N LEU A 217 -6.13 2.48 -8.30
CA LEU A 217 -4.73 2.85 -8.54
C LEU A 217 -4.33 4.19 -7.91
N VAL A 218 -5.29 4.94 -7.40
CA VAL A 218 -5.01 6.29 -6.93
C VAL A 218 -4.41 6.31 -5.54
N ASN A 219 -3.16 6.69 -5.45
N ASN A 219 -3.14 6.71 -5.48
CA ASN A 219 -2.54 7.02 -4.16
CA ASN A 219 -2.49 7.13 -4.26
C ASN A 219 -2.68 8.52 -3.96
C ASN A 219 -2.87 8.55 -3.98
N ILE A 220 -2.87 8.93 -2.71
CA ILE A 220 -3.08 10.34 -2.37
C ILE A 220 -1.73 11.04 -2.36
N ASN A 221 -1.40 11.65 -3.48
CA ASN A 221 -0.19 12.44 -3.61
C ASN A 221 -0.56 13.91 -3.54
N HIS A 222 -1.57 14.28 -4.34
CA HIS A 222 -2.16 15.62 -4.30
C HIS A 222 -3.49 15.61 -3.59
N TYR A 223 -3.93 16.76 -3.09
CA TYR A 223 -5.23 16.86 -2.46
C TYR A 223 -6.34 16.46 -3.43
N SER A 224 -6.15 16.80 -4.71
CA SER A 224 -7.12 16.40 -5.76
C SER A 224 -7.31 14.88 -5.82
N ASP A 225 -6.27 14.10 -5.50
CA ASP A 225 -6.39 12.64 -5.45
C ASP A 225 -7.31 12.20 -4.34
N TYR A 226 -7.20 12.85 -3.18
CA TYR A 226 -8.11 12.56 -2.08
C TYR A 226 -9.55 12.91 -2.46
N LEU A 227 -9.75 14.06 -3.10
CA LEU A 227 -11.10 14.47 -3.45
C LEU A 227 -11.72 13.49 -4.45
N ARG A 228 -10.90 13.01 -5.37
CA ARG A 228 -11.33 12.00 -6.34
C ARG A 228 -11.77 10.71 -5.64
N ILE A 229 -10.99 10.25 -4.67
CA ILE A 229 -11.33 9.07 -3.91
C ILE A 229 -12.58 9.32 -3.08
N ARG A 230 -12.65 10.47 -2.43
CA ARG A 230 -13.82 10.79 -1.59
C ARG A 230 -15.09 10.77 -2.45
N ASP A 231 -15.01 11.33 -3.65
CA ASP A 231 -16.18 11.35 -4.54
C ASP A 231 -16.64 9.94 -4.90
N HIS A 232 -15.69 9.04 -5.11
CA HIS A 232 -16.01 7.63 -5.36
C HIS A 232 -16.72 6.98 -4.18
N PHE A 233 -16.16 7.21 -2.99
N PHE A 233 -16.22 7.21 -2.97
CA PHE A 233 -16.73 6.69 -1.73
CA PHE A 233 -16.84 6.61 -1.80
C PHE A 233 -18.15 7.22 -1.50
C PHE A 233 -18.18 7.24 -1.43
N LEU A 234 -18.36 8.52 -1.72
CA LEU A 234 -19.71 9.13 -1.60
C LEU A 234 -20.71 8.49 -2.58
N ARG A 235 -20.25 8.12 -3.78
CA ARG A 235 -21.14 7.47 -4.76
C ARG A 235 -21.52 6.06 -4.37
N THR A 236 -20.55 5.29 -3.89
CA THR A 236 -20.74 3.87 -3.62
C THR A 236 -21.14 3.59 -2.17
N ASN A 237 -21.43 4.67 -1.42
CA ASN A 237 -21.96 4.67 -0.04
C ASN A 237 -20.83 4.65 0.97
#